data_1NAX
#
_entry.id   1NAX
#
_cell.length_a   76.520
_cell.length_b   107.743
_cell.length_c   66.896
_cell.angle_alpha   90.00
_cell.angle_beta   90.00
_cell.angle_gamma   90.00
#
_symmetry.space_group_name_H-M   'C 2 2 21'
#
loop_
_entity.id
_entity.type
_entity.pdbx_description
1 polymer 'Thyroid hormone receptor beta-1'
2 non-polymer '{3,5-DICHLORO-4-[4-HYDROXY-3-(PROPAN-2-YL)PHENOXY]PHENYL}ACETIC ACID'
3 water water
#
_entity_poly.entity_id   1
_entity_poly.type   'polypeptide(L)'
_entity_poly.pdbx_seq_one_letter_code
;GHKPEPTDEEWELIKTVTEAHVATNAQGSHWKQKRKFLPEDIGQAPIVNAPEGGKVDLEAFSHFTKIITPAITRVVDFAK
KLPMFCELPCEDQIILLKGCCMEIMSLRAAVRYDPESETLTLNGEMAVTRGQLKNGGLGVVSDAIFDLGMSLSSFNLDDT
EVALLQAVLLMSSDRPGLACVERIEKYQDSFLLAFEHYINYRKHHVTHFWPKLLMKVTDLRMIGACHASRFLHMKVECPT
ELFPPLFLEVFE
;
_entity_poly.pdbx_strand_id   A
#
loop_
_chem_comp.id
_chem_comp.type
_chem_comp.name
_chem_comp.formula
IH5 non-polymer '{3,5-DICHLORO-4-[4-HYDROXY-3-(PROPAN-2-YL)PHENOXY]PHENYL}ACETIC ACID' 'C17 H16 Cl2 O4'
#
# COMPACT_ATOMS: atom_id res chain seq x y z
N LYS A 3 15.82 20.80 16.03
CA LYS A 3 15.19 19.57 15.47
C LYS A 3 16.17 18.41 15.50
N PRO A 4 16.03 17.51 16.50
CA PRO A 4 16.90 16.34 16.66
C PRO A 4 16.93 15.39 15.48
N GLU A 5 18.12 14.95 15.12
CA GLU A 5 18.28 14.00 14.02
C GLU A 5 18.32 12.61 14.64
N PRO A 6 18.17 11.56 13.82
CA PRO A 6 18.20 10.20 14.37
C PRO A 6 19.42 9.81 15.20
N THR A 7 19.16 9.08 16.30
CA THR A 7 20.22 8.60 17.18
C THR A 7 20.93 7.41 16.52
N ASP A 8 21.83 6.78 17.25
CA ASP A 8 22.54 5.63 16.70
C ASP A 8 21.59 4.44 16.62
N GLU A 9 20.79 4.26 17.66
CA GLU A 9 19.86 3.16 17.71
C GLU A 9 18.80 3.32 16.63
N GLU A 10 18.36 4.56 16.40
CA GLU A 10 17.36 4.83 15.38
C GLU A 10 17.90 4.60 13.97
N TRP A 11 19.19 4.86 13.78
CA TRP A 11 19.83 4.67 12.47
C TRP A 11 19.87 3.19 12.13
N GLU A 12 20.04 2.36 13.15
CA GLU A 12 20.09 0.92 12.94
C GLU A 12 18.69 0.41 12.58
N LEU A 13 17.68 0.92 13.27
CA LEU A 13 16.31 0.54 12.99
C LEU A 13 16.02 0.97 11.55
N ILE A 14 16.36 2.23 11.26
CA ILE A 14 16.14 2.79 9.93
C ILE A 14 16.75 1.92 8.85
N LYS A 15 17.95 1.39 9.09
CA LYS A 15 18.61 0.56 8.09
C LYS A 15 17.85 -0.76 7.96
N THR A 16 17.24 -1.19 9.05
CA THR A 16 16.48 -2.42 9.07
C THR A 16 15.19 -2.36 8.24
N VAL A 17 14.37 -1.31 8.42
CA VAL A 17 13.13 -1.18 7.65
C VAL A 17 13.39 -0.89 6.18
N THR A 18 14.30 0.04 5.92
CA THR A 18 14.63 0.42 4.55
C THR A 18 15.03 -0.80 3.74
N GLU A 19 15.98 -1.58 4.25
CA GLU A 19 16.42 -2.78 3.55
C GLU A 19 15.28 -3.79 3.42
N ALA A 20 14.45 -3.86 4.44
CA ALA A 20 13.30 -4.78 4.45
C ALA A 20 12.36 -4.40 3.31
N HIS A 21 12.09 -3.11 3.20
CA HIS A 21 11.22 -2.60 2.17
C HIS A 21 11.81 -2.86 0.79
N VAL A 22 13.03 -2.38 0.58
CA VAL A 22 13.71 -2.53 -0.70
C VAL A 22 13.76 -3.97 -1.19
N ALA A 23 14.07 -4.88 -0.29
CA ALA A 23 14.16 -6.31 -0.61
C ALA A 23 12.81 -6.90 -1.04
N THR A 24 11.73 -6.24 -0.63
CA THR A 24 10.39 -6.73 -0.94
C THR A 24 9.57 -5.79 -1.79
N ASN A 25 10.23 -4.84 -2.45
CA ASN A 25 9.48 -3.90 -3.27
C ASN A 25 9.62 -4.08 -4.77
N ALA A 26 9.90 -5.30 -5.21
CA ALA A 26 10.01 -5.61 -6.63
C ALA A 26 10.68 -4.49 -7.43
N GLN A 27 11.84 -4.02 -6.97
CA GLN A 27 12.53 -2.95 -7.67
C GLN A 27 13.98 -3.29 -7.99
N GLY A 28 14.20 -4.51 -8.50
CA GLY A 28 15.54 -4.92 -8.86
C GLY A 28 16.02 -3.95 -9.92
N SER A 29 15.07 -3.60 -10.80
CA SER A 29 15.31 -2.65 -11.88
C SER A 29 14.21 -1.58 -11.76
N HIS A 30 14.53 -0.34 -12.11
CA HIS A 30 13.55 0.73 -12.01
C HIS A 30 12.27 0.36 -12.76
N TRP A 31 11.15 0.58 -12.10
CA TRP A 31 9.82 0.26 -12.64
C TRP A 31 9.46 1.00 -13.92
N LYS A 32 9.82 2.28 -13.99
CA LYS A 32 9.51 3.11 -15.16
C LYS A 32 9.98 2.44 -16.47
N GLN A 33 10.86 1.46 -16.33
CA GLN A 33 11.41 0.76 -17.50
C GLN A 33 10.86 -0.64 -17.72
N LYS A 34 10.61 -1.38 -16.65
CA LYS A 34 10.11 -2.74 -16.77
C LYS A 34 8.58 -2.81 -16.94
N ARG A 35 7.89 -1.72 -16.66
CA ARG A 35 6.44 -1.70 -16.76
C ARG A 35 5.87 -1.83 -18.18
N LYS A 36 4.92 -2.76 -18.33
CA LYS A 36 4.22 -2.96 -19.59
C LYS A 36 2.87 -2.31 -19.34
N PHE A 37 2.32 -1.64 -20.35
CA PHE A 37 1.02 -1.01 -20.17
C PHE A 37 -0.10 -2.01 -20.45
N LEU A 38 -1.08 -2.04 -19.56
CA LEU A 38 -2.22 -2.93 -19.74
C LEU A 38 -2.97 -2.36 -20.94
N PRO A 39 -3.19 -3.18 -21.98
CA PRO A 39 -3.89 -2.70 -23.19
C PRO A 39 -5.12 -1.84 -22.85
N GLU A 40 -5.26 -0.73 -23.58
CA GLU A 40 -6.37 0.19 -23.36
C GLU A 40 -7.74 -0.49 -23.51
N ASP A 41 -7.80 -1.51 -24.35
CA ASP A 41 -9.02 -2.26 -24.59
C ASP A 41 -9.59 -2.82 -23.29
N ILE A 42 -8.72 -3.35 -22.45
CA ILE A 42 -9.12 -3.93 -21.17
C ILE A 42 -9.65 -2.85 -20.23
N GLY A 43 -10.91 -2.99 -19.83
CA GLY A 43 -11.52 -2.03 -18.94
C GLY A 43 -12.40 -1.04 -19.70
N GLN A 44 -12.36 -1.12 -21.03
CA GLN A 44 -13.16 -0.24 -21.86
C GLN A 44 -14.60 -0.72 -22.00
N ALA A 45 -15.55 0.13 -21.63
CA ALA A 45 -16.97 -0.22 -21.73
C ALA A 45 -17.45 -0.09 -23.17
N PRO A 46 -18.03 -1.18 -23.72
CA PRO A 46 -18.51 -1.11 -25.11
C PRO A 46 -19.69 -0.16 -25.26
N ILE A 47 -20.64 -0.23 -24.33
CA ILE A 47 -21.81 0.62 -24.38
C ILE A 47 -21.65 1.74 -23.38
N VAL A 48 -21.39 2.92 -23.92
CA VAL A 48 -21.16 4.14 -23.16
C VAL A 48 -22.33 4.60 -22.29
N ASN A 49 -23.55 4.41 -22.76
CA ASN A 49 -24.72 4.87 -22.02
C ASN A 49 -25.35 3.88 -21.05
N ALA A 50 -24.65 2.79 -20.75
CA ALA A 50 -25.18 1.80 -19.83
C ALA A 50 -24.64 2.11 -18.44
N PRO A 51 -25.54 2.19 -17.44
CA PRO A 51 -25.16 2.49 -16.06
C PRO A 51 -24.01 1.66 -15.55
N GLU A 52 -23.03 2.32 -14.96
CA GLU A 52 -21.85 1.66 -14.40
C GLU A 52 -22.13 1.09 -13.00
N GLY A 53 -22.86 1.85 -12.18
CA GLY A 53 -23.18 1.40 -10.84
C GLY A 53 -21.94 0.92 -10.12
N GLY A 54 -22.04 -0.23 -9.46
CA GLY A 54 -20.89 -0.79 -8.77
C GLY A 54 -20.40 -2.07 -9.44
N LYS A 55 -20.74 -2.24 -10.71
CA LYS A 55 -20.34 -3.41 -11.49
C LYS A 55 -18.84 -3.59 -11.63
N VAL A 56 -18.42 -4.77 -12.08
CA VAL A 56 -16.99 -5.06 -12.24
C VAL A 56 -16.65 -5.64 -13.60
N ASP A 57 -15.57 -5.15 -14.22
CA ASP A 57 -15.12 -5.66 -15.51
C ASP A 57 -14.42 -6.99 -15.21
N LEU A 58 -15.05 -8.10 -15.55
CA LEU A 58 -14.45 -9.40 -15.27
C LEU A 58 -13.07 -9.61 -15.88
N GLU A 59 -12.89 -9.14 -17.11
CA GLU A 59 -11.61 -9.28 -17.80
C GLU A 59 -10.53 -8.54 -17.04
N ALA A 60 -10.80 -7.28 -16.70
CA ALA A 60 -9.83 -6.48 -15.96
C ALA A 60 -9.56 -7.12 -14.60
N PHE A 61 -10.64 -7.45 -13.90
CA PHE A 61 -10.55 -8.06 -12.58
C PHE A 61 -9.63 -9.28 -12.68
N SER A 62 -9.76 -10.01 -13.79
CA SER A 62 -8.98 -11.21 -14.01
C SER A 62 -7.45 -10.95 -13.99
N HIS A 63 -7.01 -9.92 -14.70
CA HIS A 63 -5.59 -9.59 -14.74
C HIS A 63 -5.10 -9.13 -13.36
N PHE A 64 -5.92 -8.35 -12.67
CA PHE A 64 -5.56 -7.84 -11.34
C PHE A 64 -5.35 -8.95 -10.33
N THR A 65 -6.25 -9.93 -10.28
CA THR A 65 -6.09 -11.02 -9.33
C THR A 65 -4.89 -11.90 -9.66
N LYS A 66 -4.42 -11.83 -10.91
CA LYS A 66 -3.27 -12.63 -11.28
C LYS A 66 -1.96 -12.06 -10.76
N ILE A 67 -1.97 -10.80 -10.34
CA ILE A 67 -0.76 -10.19 -9.80
C ILE A 67 -0.95 -9.72 -8.35
N ILE A 68 -2.13 -9.91 -7.81
CA ILE A 68 -2.39 -9.47 -6.46
C ILE A 68 -1.75 -10.38 -5.42
N THR A 69 -1.63 -11.65 -5.74
CA THR A 69 -1.04 -12.60 -4.82
C THR A 69 0.44 -12.33 -4.56
N PRO A 70 1.21 -11.98 -5.60
CA PRO A 70 2.63 -11.72 -5.30
C PRO A 70 2.78 -10.40 -4.56
N ALA A 71 1.81 -9.52 -4.76
CA ALA A 71 1.81 -8.22 -4.10
C ALA A 71 1.52 -8.41 -2.62
N ILE A 72 0.58 -9.30 -2.32
CA ILE A 72 0.22 -9.57 -0.93
C ILE A 72 1.38 -10.25 -0.20
N THR A 73 2.08 -11.14 -0.88
CA THR A 73 3.20 -11.86 -0.29
C THR A 73 4.36 -10.95 0.08
N ARG A 74 4.64 -9.95 -0.75
CA ARG A 74 5.74 -9.06 -0.43
C ARG A 74 5.42 -8.27 0.82
N VAL A 75 4.14 -7.95 1.03
CA VAL A 75 3.76 -7.22 2.23
C VAL A 75 4.04 -8.12 3.44
N VAL A 76 3.76 -9.40 3.31
CA VAL A 76 4.02 -10.35 4.39
C VAL A 76 5.53 -10.45 4.61
N ASP A 77 6.29 -10.64 3.53
CA ASP A 77 7.75 -10.75 3.62
C ASP A 77 8.40 -9.51 4.21
N PHE A 78 7.83 -8.35 3.92
CA PHE A 78 8.36 -7.11 4.44
C PHE A 78 8.28 -7.14 5.97
N ALA A 79 7.11 -7.49 6.47
CA ALA A 79 6.84 -7.56 7.89
C ALA A 79 7.73 -8.60 8.56
N LYS A 80 7.85 -9.74 7.90
CA LYS A 80 8.64 -10.83 8.42
C LYS A 80 10.14 -10.55 8.41
N LYS A 81 10.52 -9.34 8.02
CA LYS A 81 11.93 -8.95 8.00
C LYS A 81 12.23 -7.99 9.13
N LEU A 82 11.20 -7.69 9.90
CA LEU A 82 11.34 -6.79 11.03
C LEU A 82 11.26 -7.61 12.32
N PRO A 83 12.36 -7.65 13.10
CA PRO A 83 12.46 -8.38 14.36
C PRO A 83 11.35 -8.02 15.35
N MET A 84 10.97 -6.75 15.37
CA MET A 84 9.90 -6.31 16.25
C MET A 84 8.60 -7.05 15.95
N PHE A 85 8.31 -7.24 14.67
CA PHE A 85 7.10 -7.91 14.23
C PHE A 85 7.11 -9.41 14.48
N CYS A 86 8.21 -10.05 14.13
CA CYS A 86 8.37 -11.49 14.26
C CYS A 86 8.24 -12.01 15.69
N GLU A 87 8.47 -11.15 16.67
CA GLU A 87 8.38 -11.55 18.07
C GLU A 87 6.99 -11.24 18.64
N LEU A 88 6.02 -11.02 17.76
CA LEU A 88 4.65 -10.77 18.17
C LEU A 88 3.93 -12.10 18.01
N PRO A 89 2.93 -12.37 18.86
CA PRO A 89 2.19 -13.63 18.76
C PRO A 89 1.69 -13.79 17.34
N CYS A 90 1.54 -15.04 16.88
CA CYS A 90 1.07 -15.30 15.54
C CYS A 90 -0.36 -14.76 15.33
N GLU A 91 -1.13 -14.71 16.42
CA GLU A 91 -2.50 -14.21 16.35
C GLU A 91 -2.47 -12.71 16.08
N ASP A 92 -1.49 -12.02 16.62
CA ASP A 92 -1.38 -10.59 16.39
C ASP A 92 -0.79 -10.31 15.02
N GLN A 93 0.12 -11.17 14.57
CA GLN A 93 0.74 -10.99 13.27
C GLN A 93 -0.33 -11.05 12.19
N ILE A 94 -1.30 -11.96 12.35
CA ILE A 94 -2.38 -12.12 11.38
C ILE A 94 -3.26 -10.85 11.35
N ILE A 95 -3.80 -10.47 12.51
CA ILE A 95 -4.65 -9.29 12.63
C ILE A 95 -3.99 -8.05 12.01
N LEU A 96 -2.70 -7.85 12.29
CA LEU A 96 -1.96 -6.70 11.77
C LEU A 96 -1.78 -6.74 10.26
N LEU A 97 -1.57 -7.93 9.71
CA LEU A 97 -1.35 -8.08 8.27
C LEU A 97 -2.62 -7.86 7.46
N LYS A 98 -3.72 -8.45 7.92
CA LYS A 98 -5.00 -8.28 7.25
C LYS A 98 -5.42 -6.81 7.32
N GLY A 99 -4.94 -6.11 8.35
CA GLY A 99 -5.27 -4.71 8.54
C GLY A 99 -4.51 -3.70 7.71
N CYS A 100 -3.21 -3.91 7.50
CA CYS A 100 -2.41 -2.95 6.75
C CYS A 100 -2.06 -3.36 5.33
N CYS A 101 -2.28 -4.62 4.98
CA CYS A 101 -1.94 -5.11 3.64
C CYS A 101 -2.27 -4.11 2.53
N MET A 102 -3.54 -3.72 2.45
CA MET A 102 -3.98 -2.78 1.42
C MET A 102 -3.50 -1.36 1.63
N GLU A 103 -3.19 -0.99 2.87
CA GLU A 103 -2.72 0.36 3.14
C GLU A 103 -1.30 0.50 2.60
N ILE A 104 -0.52 -0.55 2.76
CA ILE A 104 0.86 -0.58 2.29
C ILE A 104 0.91 -0.77 0.78
N MET A 105 0.04 -1.64 0.25
CA MET A 105 0.02 -1.86 -1.19
C MET A 105 -0.42 -0.61 -1.93
N SER A 106 -1.41 0.10 -1.38
CA SER A 106 -1.89 1.32 -2.02
C SER A 106 -0.80 2.39 -2.00
N LEU A 107 -0.05 2.44 -0.90
CA LEU A 107 1.05 3.40 -0.79
C LEU A 107 2.11 3.05 -1.83
N ARG A 108 2.43 1.76 -1.92
CA ARG A 108 3.41 1.27 -2.89
C ARG A 108 3.00 1.57 -4.31
N ALA A 109 1.70 1.58 -4.59
CA ALA A 109 1.25 1.89 -5.93
C ALA A 109 1.28 3.39 -6.16
N ALA A 110 0.84 4.14 -5.15
CA ALA A 110 0.80 5.60 -5.19
C ALA A 110 2.14 6.28 -5.46
N VAL A 111 3.21 5.76 -4.87
CA VAL A 111 4.55 6.35 -5.09
C VAL A 111 5.06 6.05 -6.49
N ARG A 112 4.43 5.09 -7.16
CA ARG A 112 4.81 4.74 -8.52
C ARG A 112 3.82 5.31 -9.53
N TYR A 113 3.31 6.50 -9.22
CA TYR A 113 2.37 7.17 -10.13
C TYR A 113 3.18 7.95 -11.16
N ASP A 114 2.79 7.86 -12.42
CA ASP A 114 3.48 8.55 -13.50
C ASP A 114 2.54 9.60 -14.10
N PRO A 115 2.81 10.90 -13.83
CA PRO A 115 1.97 12.00 -14.34
C PRO A 115 1.89 12.03 -15.87
N GLU A 116 2.91 11.48 -16.52
CA GLU A 116 2.98 11.44 -17.98
C GLU A 116 1.82 10.61 -18.57
N SER A 117 1.88 9.30 -18.37
CA SER A 117 0.84 8.39 -18.87
C SER A 117 -0.37 8.39 -17.95
N GLU A 118 -0.21 8.94 -16.76
CA GLU A 118 -1.27 8.98 -15.77
C GLU A 118 -1.71 7.59 -15.37
N THR A 119 -0.72 6.74 -15.11
CA THR A 119 -0.99 5.36 -14.72
C THR A 119 -0.25 5.00 -13.45
N LEU A 120 -0.70 3.94 -12.79
CA LEU A 120 -0.05 3.45 -11.58
C LEU A 120 0.56 2.13 -12.01
N THR A 121 1.79 1.88 -11.58
CA THR A 121 2.44 0.62 -11.92
C THR A 121 2.28 -0.33 -10.75
N LEU A 122 1.52 -1.40 -10.98
CA LEU A 122 1.24 -2.42 -9.96
C LEU A 122 2.20 -3.61 -9.99
N ASN A 123 2.53 -4.11 -8.80
CA ASN A 123 3.45 -5.22 -8.65
C ASN A 123 4.75 -4.89 -9.37
N GLY A 124 4.98 -3.59 -9.61
CA GLY A 124 6.17 -3.14 -10.28
C GLY A 124 6.30 -3.48 -11.76
N GLU A 125 5.19 -3.84 -12.40
CA GLU A 125 5.23 -4.20 -13.82
C GLU A 125 3.97 -3.98 -14.65
N MET A 126 2.84 -3.71 -14.02
CA MET A 126 1.62 -3.47 -14.77
C MET A 126 1.12 -2.04 -14.60
N ALA A 127 1.22 -1.23 -15.64
CA ALA A 127 0.76 0.14 -15.58
C ALA A 127 -0.70 0.20 -16.00
N VAL A 128 -1.54 0.67 -15.08
CA VAL A 128 -2.96 0.77 -15.31
C VAL A 128 -3.46 2.22 -15.17
N THR A 129 -4.58 2.53 -15.81
CA THR A 129 -5.11 3.88 -15.70
C THR A 129 -6.10 3.90 -14.55
N ARG A 130 -6.65 5.08 -14.28
CA ARG A 130 -7.60 5.26 -13.19
C ARG A 130 -8.88 4.47 -13.48
N GLY A 131 -9.38 4.56 -14.71
CA GLY A 131 -10.59 3.85 -15.07
C GLY A 131 -10.47 2.34 -15.10
N GLN A 132 -9.30 1.82 -15.47
CA GLN A 132 -9.06 0.39 -15.53
C GLN A 132 -9.13 -0.24 -14.15
N LEU A 133 -8.41 0.37 -13.21
CA LEU A 133 -8.38 -0.12 -11.83
C LEU A 133 -9.72 0.12 -11.13
N LYS A 134 -10.43 1.16 -11.57
CA LYS A 134 -11.74 1.51 -11.02
C LYS A 134 -12.81 0.52 -11.45
N ASN A 135 -12.86 0.24 -12.75
CA ASN A 135 -13.83 -0.70 -13.30
C ASN A 135 -13.45 -2.13 -12.98
N GLY A 136 -12.14 -2.38 -12.89
CA GLY A 136 -11.65 -3.71 -12.60
C GLY A 136 -11.92 -4.23 -11.20
N GLY A 137 -12.58 -3.44 -10.36
CA GLY A 137 -12.88 -3.90 -9.03
C GLY A 137 -12.84 -2.91 -7.88
N LEU A 138 -11.92 -1.96 -7.91
CA LEU A 138 -11.80 -1.02 -6.81
C LEU A 138 -12.81 0.12 -6.74
N GLY A 139 -13.42 0.46 -7.88
CA GLY A 139 -14.37 1.56 -7.87
C GLY A 139 -13.72 2.84 -7.37
N VAL A 140 -14.39 3.54 -6.45
CA VAL A 140 -13.86 4.80 -5.92
C VAL A 140 -12.49 4.69 -5.25
N VAL A 141 -12.14 3.51 -4.77
CA VAL A 141 -10.85 3.29 -4.11
C VAL A 141 -9.73 3.57 -5.12
N SER A 142 -10.00 3.28 -6.38
CA SER A 142 -9.04 3.54 -7.44
C SER A 142 -8.74 5.03 -7.45
N ASP A 143 -9.80 5.84 -7.40
CA ASP A 143 -9.66 7.30 -7.41
C ASP A 143 -8.89 7.81 -6.20
N ALA A 144 -9.11 7.18 -5.06
CA ALA A 144 -8.42 7.55 -3.83
C ALA A 144 -6.92 7.37 -4.00
N ILE A 145 -6.51 6.21 -4.51
CA ILE A 145 -5.11 5.92 -4.70
C ILE A 145 -4.44 6.80 -5.75
N PHE A 146 -5.15 7.12 -6.83
CA PHE A 146 -4.56 7.99 -7.84
C PHE A 146 -4.41 9.40 -7.30
N ASP A 147 -5.42 9.87 -6.57
CA ASP A 147 -5.37 11.20 -5.99
C ASP A 147 -4.17 11.30 -5.04
N LEU A 148 -3.94 10.22 -4.28
CA LEU A 148 -2.83 10.16 -3.35
C LEU A 148 -1.50 10.21 -4.11
N GLY A 149 -1.42 9.45 -5.20
CA GLY A 149 -0.23 9.39 -6.00
C GLY A 149 0.08 10.74 -6.62
N MET A 150 -0.97 11.49 -6.94
CA MET A 150 -0.79 12.81 -7.51
C MET A 150 -0.17 13.76 -6.49
N SER A 151 -0.64 13.71 -5.25
CA SER A 151 -0.13 14.60 -4.23
C SER A 151 1.17 14.17 -3.57
N LEU A 152 1.59 12.92 -3.80
CA LEU A 152 2.84 12.43 -3.23
C LEU A 152 4.07 12.83 -4.05
N SER A 153 3.86 13.14 -5.33
CA SER A 153 4.95 13.54 -6.24
C SER A 153 5.86 14.64 -5.70
N SER A 154 5.28 15.63 -5.02
CA SER A 154 6.09 16.72 -4.48
C SER A 154 6.78 16.34 -3.17
N PHE A 155 6.30 15.30 -2.50
CA PHE A 155 6.90 14.90 -1.23
C PHE A 155 8.31 14.31 -1.43
N ASN A 156 8.58 13.80 -2.63
CA ASN A 156 9.89 13.22 -2.93
C ASN A 156 10.30 12.25 -1.81
N LEU A 157 9.50 11.21 -1.60
CA LEU A 157 9.77 10.24 -0.56
C LEU A 157 10.80 9.20 -0.97
N ASP A 158 11.83 8.98 -0.15
CA ASP A 158 12.83 7.98 -0.50
C ASP A 158 12.44 6.61 0.06
N ASP A 159 13.23 5.59 -0.26
CA ASP A 159 12.93 4.23 0.20
C ASP A 159 12.80 4.15 1.71
N THR A 160 13.46 5.05 2.41
CA THR A 160 13.39 5.07 3.87
C THR A 160 12.07 5.64 4.34
N GLU A 161 11.73 6.83 3.86
CA GLU A 161 10.49 7.48 4.24
C GLU A 161 9.29 6.61 3.90
N VAL A 162 9.34 5.96 2.74
CA VAL A 162 8.25 5.07 2.34
C VAL A 162 8.26 3.82 3.24
N ALA A 163 9.46 3.31 3.53
CA ALA A 163 9.60 2.14 4.38
C ALA A 163 9.10 2.41 5.80
N LEU A 164 9.35 3.61 6.32
CA LEU A 164 8.91 3.96 7.66
C LEU A 164 7.40 4.15 7.68
N LEU A 165 6.84 4.66 6.58
CA LEU A 165 5.40 4.83 6.49
C LEU A 165 4.72 3.48 6.60
N GLN A 166 5.32 2.46 5.98
CA GLN A 166 4.77 1.10 6.03
C GLN A 166 4.78 0.52 7.45
N ALA A 167 5.88 0.75 8.16
CA ALA A 167 6.05 0.29 9.55
C ALA A 167 5.00 0.93 10.46
N VAL A 168 4.74 2.21 10.25
CA VAL A 168 3.74 2.93 11.04
C VAL A 168 2.37 2.30 10.79
N LEU A 169 2.06 2.04 9.52
CA LEU A 169 0.78 1.42 9.14
C LEU A 169 0.68 0.02 9.73
N LEU A 170 1.76 -0.74 9.65
CA LEU A 170 1.80 -2.11 10.15
C LEU A 170 1.55 -2.19 11.65
N MET A 171 2.27 -1.39 12.41
CA MET A 171 2.15 -1.38 13.88
C MET A 171 1.01 -0.52 14.42
N SER A 172 -0.21 -0.76 13.93
CA SER A 172 -1.37 -0.02 14.39
C SER A 172 -2.09 -0.84 15.47
N SER A 173 -2.02 -0.38 16.72
CA SER A 173 -2.64 -1.10 17.85
C SER A 173 -4.16 -0.99 17.98
N ASP A 174 -4.77 -0.20 17.12
CA ASP A 174 -6.21 -0.02 17.15
C ASP A 174 -6.97 -1.15 16.44
N ARG A 175 -6.25 -2.08 15.81
CA ARG A 175 -6.91 -3.19 15.11
C ARG A 175 -7.66 -4.04 16.14
N PRO A 176 -8.85 -4.56 15.77
CA PRO A 176 -9.67 -5.38 16.66
C PRO A 176 -9.07 -6.75 16.99
N GLY A 177 -9.20 -7.16 18.24
CA GLY A 177 -8.71 -8.45 18.67
C GLY A 177 -7.25 -8.61 19.02
N LEU A 178 -6.46 -7.56 18.83
CA LEU A 178 -5.03 -7.62 19.15
C LEU A 178 -4.81 -7.93 20.61
N ALA A 179 -3.78 -8.72 20.91
CA ALA A 179 -3.47 -9.07 22.29
C ALA A 179 -2.42 -8.14 22.88
N CYS A 180 -1.33 -7.92 22.14
CA CYS A 180 -0.24 -7.08 22.60
C CYS A 180 -0.37 -5.64 22.14
N VAL A 181 -1.45 -4.98 22.56
CA VAL A 181 -1.71 -3.60 22.19
C VAL A 181 -0.59 -2.66 22.64
N GLU A 182 -0.12 -2.84 23.86
CA GLU A 182 0.93 -1.99 24.40
C GLU A 182 2.26 -2.18 23.64
N ARG A 183 2.69 -3.43 23.53
CA ARG A 183 3.93 -3.75 22.83
C ARG A 183 3.93 -3.24 21.37
N ILE A 184 2.76 -3.25 20.72
CA ILE A 184 2.64 -2.79 19.35
C ILE A 184 2.70 -1.27 19.27
N GLU A 185 2.00 -0.62 20.20
CA GLU A 185 1.96 0.82 20.26
C GLU A 185 3.36 1.36 20.53
N LYS A 186 4.16 0.60 21.28
CA LYS A 186 5.52 1.00 21.59
C LYS A 186 6.39 0.95 20.34
N TYR A 187 6.27 -0.13 19.58
CA TYR A 187 7.05 -0.29 18.36
C TYR A 187 6.70 0.84 17.38
N GLN A 188 5.41 1.19 17.34
CA GLN A 188 4.97 2.25 16.46
C GLN A 188 5.57 3.59 16.89
N ASP A 189 5.70 3.81 18.19
CA ASP A 189 6.28 5.05 18.67
C ASP A 189 7.75 5.11 18.27
N SER A 190 8.43 3.97 18.37
CA SER A 190 9.83 3.88 18.01
C SER A 190 10.02 4.25 16.54
N PHE A 191 9.10 3.83 15.67
CA PHE A 191 9.19 4.14 14.25
C PHE A 191 8.88 5.60 13.97
N LEU A 192 7.77 6.08 14.55
CA LEU A 192 7.37 7.47 14.36
C LEU A 192 8.51 8.40 14.76
N LEU A 193 9.16 8.06 15.86
CA LEU A 193 10.27 8.86 16.37
C LEU A 193 11.45 8.88 15.41
N ALA A 194 11.83 7.70 14.93
CA ALA A 194 12.93 7.59 13.98
C ALA A 194 12.54 8.29 12.67
N PHE A 195 11.26 8.22 12.33
CA PHE A 195 10.76 8.81 11.10
C PHE A 195 10.93 10.31 11.14
N GLU A 196 10.43 10.93 12.20
CA GLU A 196 10.51 12.37 12.38
C GLU A 196 11.97 12.86 12.40
N HIS A 197 12.83 12.15 13.13
CA HIS A 197 14.24 12.51 13.20
C HIS A 197 14.89 12.41 11.82
N TYR A 198 14.52 11.38 11.06
CA TYR A 198 15.05 11.23 9.72
C TYR A 198 14.56 12.41 8.87
N ILE A 199 13.36 12.88 9.15
CA ILE A 199 12.78 14.01 8.42
C ILE A 199 13.60 15.26 8.65
N ASN A 200 14.09 15.43 9.88
CA ASN A 200 14.91 16.59 10.21
C ASN A 200 16.25 16.48 9.49
N TYR A 201 16.78 15.26 9.39
CA TYR A 201 18.05 14.99 8.71
C TYR A 201 17.96 15.30 7.22
N ARG A 202 16.83 14.95 6.61
CA ARG A 202 16.59 15.17 5.19
C ARG A 202 16.47 16.66 4.84
N LYS A 203 15.91 17.43 5.77
CA LYS A 203 15.71 18.87 5.58
C LYS A 203 14.94 19.23 4.31
N HIS A 204 13.71 18.76 4.21
CA HIS A 204 12.85 19.06 3.05
C HIS A 204 12.53 20.56 3.00
N HIS A 205 12.38 21.10 1.80
CA HIS A 205 12.06 22.51 1.67
C HIS A 205 10.55 22.77 1.64
N VAL A 206 9.86 22.33 2.69
CA VAL A 206 8.42 22.53 2.79
C VAL A 206 8.05 22.62 4.26
N THR A 207 7.37 23.70 4.63
CA THR A 207 6.98 23.89 6.02
C THR A 207 5.95 22.88 6.46
N HIS A 208 6.15 22.36 7.68
CA HIS A 208 5.27 21.36 8.27
C HIS A 208 5.20 20.10 7.39
N PHE A 209 6.38 19.58 7.01
CA PHE A 209 6.44 18.40 6.19
C PHE A 209 5.95 17.19 6.97
N TRP A 210 6.41 17.06 8.21
CA TRP A 210 6.01 15.96 9.06
C TRP A 210 4.49 15.90 9.22
N PRO A 211 3.87 17.02 9.62
CA PRO A 211 2.42 17.09 9.80
C PRO A 211 1.67 16.78 8.51
N LYS A 212 2.26 17.15 7.36
CA LYS A 212 1.63 16.89 6.07
C LYS A 212 1.76 15.42 5.72
N LEU A 213 2.86 14.79 6.15
CA LEU A 213 3.07 13.37 5.91
C LEU A 213 2.05 12.56 6.69
N LEU A 214 1.86 12.92 7.96
CA LEU A 214 0.91 12.21 8.81
C LEU A 214 -0.51 12.23 8.23
N MET A 215 -0.84 13.29 7.49
CA MET A 215 -2.16 13.35 6.89
C MET A 215 -2.31 12.27 5.82
N LYS A 216 -1.19 11.95 5.16
CA LYS A 216 -1.18 10.92 4.12
C LYS A 216 -1.35 9.56 4.75
N VAL A 217 -0.86 9.42 5.98
CA VAL A 217 -0.97 8.16 6.70
C VAL A 217 -2.45 7.95 7.00
N THR A 218 -3.15 9.04 7.32
CA THR A 218 -4.60 8.97 7.60
C THR A 218 -5.37 8.62 6.32
N ASP A 219 -4.86 9.06 5.17
CA ASP A 219 -5.50 8.78 3.90
C ASP A 219 -5.47 7.29 3.61
N LEU A 220 -4.31 6.67 3.84
CA LEU A 220 -4.12 5.24 3.61
C LEU A 220 -4.99 4.37 4.51
N ARG A 221 -5.21 4.83 5.75
CA ARG A 221 -6.05 4.08 6.67
C ARG A 221 -7.50 4.17 6.20
N MET A 222 -7.86 5.30 5.59
CA MET A 222 -9.21 5.48 5.08
C MET A 222 -9.39 4.57 3.87
N ILE A 223 -8.38 4.54 3.01
CA ILE A 223 -8.38 3.68 1.82
C ILE A 223 -8.46 2.20 2.20
N GLY A 224 -7.55 1.73 3.04
CA GLY A 224 -7.58 0.33 3.43
C GLY A 224 -8.95 -0.10 3.95
N ALA A 225 -9.59 0.74 4.75
CA ALA A 225 -10.90 0.42 5.29
C ALA A 225 -11.98 0.42 4.20
N CYS A 226 -11.84 1.32 3.25
CA CYS A 226 -12.82 1.40 2.18
C CYS A 226 -12.70 0.17 1.30
N HIS A 227 -11.48 -0.36 1.20
CA HIS A 227 -11.21 -1.55 0.40
C HIS A 227 -11.90 -2.77 0.99
N ALA A 228 -12.01 -2.79 2.31
CA ALA A 228 -12.66 -3.87 3.02
C ALA A 228 -14.11 -4.03 2.57
N SER A 229 -14.84 -2.92 2.55
CA SER A 229 -16.23 -2.97 2.12
C SER A 229 -16.30 -3.27 0.63
N ARG A 230 -15.26 -2.89 -0.09
CA ARG A 230 -15.19 -3.11 -1.52
C ARG A 230 -14.97 -4.58 -1.88
N PHE A 231 -14.20 -5.27 -1.05
CA PHE A 231 -13.92 -6.69 -1.25
C PHE A 231 -15.24 -7.45 -1.24
N LEU A 232 -16.06 -7.17 -0.25
CA LEU A 232 -17.36 -7.82 -0.09
C LEU A 232 -18.20 -7.73 -1.36
N HIS A 233 -18.15 -6.56 -1.99
CA HIS A 233 -18.91 -6.33 -3.22
C HIS A 233 -18.38 -7.16 -4.38
N MET A 234 -17.05 -7.25 -4.46
CA MET A 234 -16.40 -8.02 -5.52
C MET A 234 -16.89 -9.47 -5.40
N LYS A 235 -17.04 -9.94 -4.17
CA LYS A 235 -17.51 -11.29 -3.91
C LYS A 235 -18.89 -11.51 -4.49
N VAL A 236 -19.66 -10.43 -4.61
CA VAL A 236 -21.00 -10.49 -5.14
C VAL A 236 -21.02 -10.36 -6.66
N GLU A 237 -20.23 -9.42 -7.19
CA GLU A 237 -20.18 -9.18 -8.62
C GLU A 237 -19.29 -10.14 -9.42
N CYS A 238 -18.34 -10.79 -8.75
CA CYS A 238 -17.41 -11.68 -9.44
C CYS A 238 -17.47 -13.15 -9.01
N PRO A 239 -17.19 -14.08 -9.96
CA PRO A 239 -17.21 -15.51 -9.70
C PRO A 239 -16.15 -15.89 -8.66
N THR A 240 -16.51 -16.79 -7.75
CA THR A 240 -15.60 -17.21 -6.69
C THR A 240 -14.33 -17.90 -7.19
N GLU A 241 -14.39 -18.43 -8.40
CA GLU A 241 -13.23 -19.12 -8.98
C GLU A 241 -12.10 -18.15 -9.31
N LEU A 242 -12.44 -16.90 -9.58
CA LEU A 242 -11.43 -15.91 -9.92
C LEU A 242 -10.67 -15.35 -8.72
N PHE A 243 -11.05 -15.73 -7.51
CA PHE A 243 -10.37 -15.25 -6.29
C PHE A 243 -9.31 -16.21 -5.80
N PRO A 244 -8.03 -15.77 -5.78
CA PRO A 244 -6.91 -16.59 -5.32
C PRO A 244 -7.01 -16.86 -3.80
N PRO A 245 -6.68 -18.08 -3.36
CA PRO A 245 -6.76 -18.36 -1.91
C PRO A 245 -6.05 -17.35 -1.01
N LEU A 246 -4.96 -16.76 -1.50
CA LEU A 246 -4.23 -15.79 -0.71
C LEU A 246 -5.05 -14.51 -0.54
N PHE A 247 -5.74 -14.13 -1.62
CA PHE A 247 -6.58 -12.94 -1.64
C PHE A 247 -7.69 -13.08 -0.58
N LEU A 248 -8.39 -14.21 -0.62
CA LEU A 248 -9.46 -14.48 0.33
C LEU A 248 -8.95 -14.45 1.76
N GLU A 249 -7.84 -15.13 2.02
CA GLU A 249 -7.29 -15.18 3.37
C GLU A 249 -7.01 -13.82 3.97
N VAL A 250 -6.31 -12.97 3.24
CA VAL A 250 -5.95 -11.65 3.76
C VAL A 250 -7.11 -10.66 3.97
N PHE A 251 -8.14 -10.73 3.12
CA PHE A 251 -9.25 -9.78 3.24
C PHE A 251 -10.61 -10.37 3.66
N GLU A 252 -10.60 -11.65 4.03
CA GLU A 252 -11.82 -12.33 4.44
C GLU A 252 -12.21 -11.89 5.85
O3 IH5 B . 2.42 -2.42 -6.60
C15 IH5 B . 2.27 -3.23 -5.52
O4 IH5 B . 3.13 -4.02 -5.11
C13 IH5 B . 0.96 -3.12 -4.81
C01 IH5 B . -0.42 -3.30 -5.48
C11 IH5 B . -1.35 -2.23 -5.17
C09 IH5 B . -2.65 -2.26 -5.73
C07 IH5 B . -3.09 -3.38 -6.61
O2 IH5 B . -4.36 -3.31 -7.08
C2 IH5 B . -5.47 -3.95 -6.34
C12 IH5 B . -5.55 -3.97 -4.85
C10 IH5 B . -6.62 -4.60 -4.19
C8 IH5 B . -7.66 -5.22 -4.92
O1 IH5 B . -8.66 -5.80 -4.22
C6 IH5 B . -7.66 -5.26 -6.40
C4 IH5 B . -6.54 -4.60 -7.11
C14 IH5 B . -8.86 -5.97 -7.14
C16 IH5 B . -8.36 -7.38 -7.53
C18 IH5 B . -9.31 -5.17 -8.42
C05 IH5 B . -2.19 -4.41 -6.89
C03 IH5 B . -0.86 -4.39 -6.34
CL5 IH5 B . -2.64 -5.73 -7.87
CL6 IH5 B . -3.72 -0.96 -5.35
#